data_8VCW
#
_entry.id   8VCW
#
_cell.length_a   38.209
_cell.length_b   50.776
_cell.length_c   161.878
_cell.angle_alpha   90.00
_cell.angle_beta   90.00
_cell.angle_gamma   90.00
#
_symmetry.space_group_name_H-M   'P 21 21 21'
#
loop_
_entity.id
_entity.type
_entity.pdbx_description
1 polymer 'Biotin synthase'
2 non-polymer S-ADENOSYLMETHIONINE
3 non-polymer 2-[BIS-(2-HYDROXY-ETHYL)-AMINO]-2-HYDROXYMETHYL-PROPANE-1,3-DIOL
4 non-polymer 'Fe4 H S5'
5 non-polymer 'IRON/SULFUR CLUSTER'
6 non-polymer '6-(5-METHYL-2-OXO-IMIDAZOLIDIN-4-YL)-HEXANOIC ACID'
7 non-polymer 'FE (III) ION'
8 non-polymer 'CHLORIDE ION'
9 water water
#
_entity_poly.entity_id   1
_entity_poly.type   'polypeptide(L)'
_entity_poly.pdbx_seq_one_letter_code
;MNPLTLAQEIIDGRRITREDDLSFFLTCDLDELCEGADRIREACIGDKVDLCSIINGRSGRCPEDCKYCAQSAHHHTSCE
VYNFLPEEKILEACKMNESEGVDRFSIVTAGKALTGKEFDQAIHAYETMHRECKIDLCASMGFISAEQLHRLHEAGVTSY
HHNIETSRRNFPNICTTHTYDMKIETLKKVKAEGMCACSGGIIGMGETWEDRLDMAISLAELGIDSIPINALMPIPGTPL
EHLPELSEPDILRTIAFFRYINPEANIRLAAGRALLTNDGETAFKAGASASITGNMLTTVACATIRSDRKMLADMGRDVT
PEYWKEV
;
_entity_poly.pdbx_strand_id   A
#
# COMPACT_ATOMS: atom_id res chain seq x y z
N MET A 1 -8.88 -29.75 -6.60
CA MET A 1 -7.99 -28.64 -6.23
C MET A 1 -8.07 -28.26 -4.75
N ASN A 2 -6.91 -27.99 -4.19
CA ASN A 2 -6.76 -27.72 -2.77
C ASN A 2 -5.67 -26.66 -2.62
N PRO A 3 -5.68 -25.92 -1.52
CA PRO A 3 -4.76 -24.79 -1.43
C PRO A 3 -3.30 -25.18 -1.44
N LEU A 4 -2.98 -26.36 -0.89
CA LEU A 4 -1.57 -26.72 -0.76
C LEU A 4 -0.96 -27.10 -2.12
N THR A 5 -1.69 -27.90 -2.87
CA THR A 5 -1.16 -28.23 -4.19
CA THR A 5 -1.28 -28.29 -4.23
C THR A 5 -1.28 -27.08 -5.14
N LEU A 6 -2.31 -26.24 -5.02
CA LEU A 6 -2.38 -25.08 -5.90
C LEU A 6 -1.21 -24.13 -5.66
N ALA A 7 -0.82 -23.98 -4.39
CA ALA A 7 0.37 -23.16 -4.08
C ALA A 7 1.60 -23.77 -4.73
N GLN A 8 1.76 -25.09 -4.66
CA GLN A 8 2.89 -25.71 -5.36
C GLN A 8 2.87 -25.46 -6.87
N GLU A 9 1.70 -25.54 -7.49
CA GLU A 9 1.61 -25.29 -8.92
C GLU A 9 2.02 -23.87 -9.25
N ILE A 10 1.61 -22.90 -8.42
CA ILE A 10 1.96 -21.51 -8.66
C ILE A 10 3.46 -21.29 -8.45
N ILE A 11 4.03 -21.90 -7.41
CA ILE A 11 5.50 -21.87 -7.26
C ILE A 11 6.17 -22.36 -8.54
N ASP A 12 5.63 -23.42 -9.13
CA ASP A 12 6.20 -24.02 -10.34
C ASP A 12 5.78 -23.31 -11.63
N GLY A 13 5.02 -22.21 -11.57
CA GLY A 13 4.82 -21.31 -12.69
C GLY A 13 3.37 -21.06 -13.08
N ARG A 14 2.41 -21.78 -12.50
CA ARG A 14 1.02 -21.50 -12.81
C ARG A 14 0.65 -20.09 -12.39
N ARG A 15 -0.13 -19.40 -13.22
CA ARG A 15 -0.63 -18.09 -12.83
C ARG A 15 -2.14 -18.04 -12.90
N ILE A 16 -2.78 -17.56 -11.82
CA ILE A 16 -4.23 -17.50 -11.77
C ILE A 16 -4.72 -16.41 -12.71
N THR A 17 -5.81 -16.69 -13.42
CA THR A 17 -6.39 -15.71 -14.33
C THR A 17 -7.83 -15.43 -13.96
N ARG A 18 -8.38 -14.41 -14.59
CA ARG A 18 -9.75 -14.03 -14.38
C ARG A 18 -10.72 -15.18 -14.66
N GLU A 19 -10.32 -16.15 -15.51
CA GLU A 19 -11.13 -17.28 -15.94
CA GLU A 19 -11.17 -17.26 -15.90
C GLU A 19 -11.05 -18.47 -14.99
N ASP A 20 -10.16 -18.45 -14.02
CA ASP A 20 -10.15 -19.51 -13.05
C ASP A 20 -11.34 -19.39 -12.10
N ASP A 21 -11.55 -20.46 -11.30
CA ASP A 21 -12.62 -20.53 -10.30
C ASP A 21 -12.18 -19.76 -9.05
N LEU A 22 -12.40 -18.45 -9.07
CA LEU A 22 -11.87 -17.66 -7.95
C LEU A 22 -12.64 -17.89 -6.66
N SER A 23 -13.88 -18.42 -6.72
CA SER A 23 -14.61 -18.72 -5.52
C SER A 23 -13.90 -19.73 -4.65
N PHE A 24 -13.00 -20.52 -5.24
CA PHE A 24 -12.23 -21.47 -4.44
C PHE A 24 -11.56 -20.76 -3.28
N PHE A 25 -11.09 -19.54 -3.51
CA PHE A 25 -10.37 -18.81 -2.46
C PHE A 25 -11.27 -18.36 -1.34
N LEU A 26 -12.59 -18.45 -1.50
CA LEU A 26 -13.52 -18.09 -0.44
C LEU A 26 -13.99 -19.30 0.31
N THR A 27 -14.09 -20.45 -0.35
CA THR A 27 -14.63 -21.64 0.34
C THR A 27 -13.53 -22.52 0.94
N CYS A 28 -12.29 -22.42 0.45
CA CYS A 28 -11.26 -23.34 0.92
C CYS A 28 -10.88 -23.06 2.38
N ASP A 29 -10.12 -24.00 2.95
CA ASP A 29 -9.67 -23.91 4.33
C ASP A 29 -8.70 -22.76 4.52
N LEU A 30 -8.96 -21.94 5.53
CA LEU A 30 -8.14 -20.75 5.75
C LEU A 30 -6.72 -21.09 6.08
N ASP A 31 -6.48 -22.02 7.04
CA ASP A 31 -5.11 -22.25 7.46
C ASP A 31 -4.29 -22.86 6.33
N GLU A 32 -4.89 -23.73 5.51
CA GLU A 32 -4.14 -24.25 4.37
C GLU A 32 -3.85 -23.16 3.35
N LEU A 33 -4.81 -22.22 3.13
CA LEU A 33 -4.56 -21.13 2.19
C LEU A 33 -3.45 -20.23 2.70
N CYS A 34 -3.42 -19.98 3.98
CA CYS A 34 -2.30 -19.24 4.57
C CYS A 34 -0.98 -19.93 4.42
N GLU A 35 -0.95 -21.24 4.66
CA GLU A 35 0.30 -22.00 4.52
C GLU A 35 0.77 -21.93 3.09
N GLY A 36 -0.13 -22.13 2.13
CA GLY A 36 0.29 -22.11 0.75
C GLY A 36 0.77 -20.72 0.34
N ALA A 37 0.06 -19.68 0.81
CA ALA A 37 0.49 -18.30 0.49
C ALA A 37 1.87 -18.02 1.06
N ASP A 38 2.16 -18.48 2.26
CA ASP A 38 3.48 -18.27 2.81
C ASP A 38 4.54 -18.96 1.94
N ARG A 39 4.27 -20.18 1.47
CA ARG A 39 5.22 -20.86 0.59
C ARG A 39 5.42 -20.13 -0.72
N ILE A 40 4.34 -19.55 -1.29
CA ILE A 40 4.48 -18.79 -2.53
C ILE A 40 5.33 -17.57 -2.26
N ARG A 41 5.09 -16.90 -1.14
CA ARG A 41 5.90 -15.74 -0.80
C ARG A 41 7.37 -16.12 -0.65
N GLU A 42 7.64 -17.20 0.07
CA GLU A 42 9.05 -17.62 0.27
C GLU A 42 9.72 -17.89 -1.06
N ALA A 43 9.01 -18.53 -1.99
CA ALA A 43 9.60 -18.88 -3.28
C ALA A 43 9.79 -17.67 -4.18
N CYS A 44 8.86 -16.72 -4.20
CA CYS A 44 8.92 -15.65 -5.19
C CYS A 44 9.55 -14.38 -4.66
N ILE A 45 9.45 -14.12 -3.36
CA ILE A 45 10.04 -12.93 -2.75
C ILE A 45 11.24 -13.30 -1.88
N GLY A 46 11.13 -14.35 -1.11
CA GLY A 46 12.19 -14.67 -0.20
C GLY A 46 11.92 -14.03 1.16
N ASP A 47 13.01 -13.89 1.95
CA ASP A 47 12.89 -13.48 3.34
C ASP A 47 12.93 -11.97 3.59
N LYS A 48 13.22 -11.14 2.61
CA LYS A 48 13.24 -9.69 2.81
C LYS A 48 11.82 -9.20 3.00
N VAL A 49 11.60 -8.43 4.04
CA VAL A 49 10.35 -7.72 4.24
C VAL A 49 10.63 -6.25 4.02
N ASP A 50 10.14 -5.71 2.91
CA ASP A 50 10.37 -4.31 2.59
C ASP A 50 9.50 -3.44 3.51
N LEU A 51 10.11 -2.45 4.11
CA LEU A 51 9.41 -1.54 5.02
C LEU A 51 9.41 -0.14 4.42
N CYS A 52 8.24 0.47 4.35
CA CYS A 52 8.17 1.82 3.85
C CYS A 52 7.54 2.74 4.88
N SER A 53 7.61 4.05 4.61
CA SER A 53 7.15 5.06 5.55
C SER A 53 6.62 6.24 4.74
N ILE A 54 5.80 7.04 5.39
CA ILE A 54 5.09 8.12 4.72
C ILE A 54 5.11 9.38 5.56
N ILE A 55 4.99 10.52 4.90
CA ILE A 55 4.60 11.78 5.56
C ILE A 55 3.34 12.32 4.89
N ASN A 56 2.46 12.91 5.68
CA ASN A 56 1.33 13.65 5.14
C ASN A 56 1.84 15.02 4.71
N GLY A 57 2.17 15.15 3.44
CA GLY A 57 2.78 16.37 2.93
C GLY A 57 1.82 17.51 2.70
N ARG A 58 0.53 17.24 2.64
CA ARG A 58 -0.47 18.29 2.43
C ARG A 58 -1.79 17.72 2.97
N SER A 59 -2.35 18.30 4.03
CA SER A 59 -3.37 17.66 4.84
C SER A 59 -4.71 18.36 4.69
N GLY A 60 -5.76 17.57 4.45
CA GLY A 60 -7.12 18.08 4.43
C GLY A 60 -7.45 18.86 3.17
N ARG A 61 -8.70 19.35 3.15
CA ARG A 61 -9.23 20.22 2.10
C ARG A 61 -9.46 19.52 0.76
N CYS A 62 -9.53 18.21 0.71
CA CYS A 62 -9.64 17.61 -0.60
C CYS A 62 -11.07 17.73 -1.12
N PRO A 63 -11.26 18.10 -2.38
CA PRO A 63 -12.62 18.23 -2.90
C PRO A 63 -13.29 16.94 -3.28
N GLU A 64 -12.54 15.85 -3.35
CA GLU A 64 -13.12 14.59 -3.71
C GLU A 64 -13.94 14.04 -2.55
N ASP A 65 -14.88 13.14 -2.85
CA ASP A 65 -15.86 12.67 -1.88
C ASP A 65 -15.68 11.21 -1.44
N CYS A 66 -14.45 10.72 -1.42
CA CYS A 66 -14.21 9.33 -1.01
C CYS A 66 -14.77 9.11 0.40
N LYS A 67 -15.64 8.12 0.54
CA LYS A 67 -16.42 7.99 1.75
C LYS A 67 -15.57 7.61 2.97
N TYR A 68 -14.38 7.04 2.77
CA TYR A 68 -13.55 6.57 3.87
C TYR A 68 -12.61 7.63 4.41
N CYS A 69 -12.44 8.75 3.68
CA CYS A 69 -11.23 9.54 3.86
C CYS A 69 -11.41 10.68 4.87
N ALA A 70 -10.53 10.74 5.87
CA ALA A 70 -10.53 11.81 6.84
C ALA A 70 -10.24 13.17 6.20
N GLN A 71 -9.58 13.20 5.02
CA GLN A 71 -9.09 14.46 4.48
C GLN A 71 -10.04 15.08 3.46
N SER A 72 -11.16 14.42 3.18
CA SER A 72 -12.15 15.00 2.27
C SER A 72 -12.83 16.18 2.96
N ALA A 73 -12.92 17.30 2.24
CA ALA A 73 -13.61 18.46 2.76
C ALA A 73 -15.12 18.26 2.80
N HIS A 74 -15.64 17.14 2.25
CA HIS A 74 -17.05 16.83 2.44
C HIS A 74 -17.37 16.31 3.84
N HIS A 75 -16.37 16.00 4.66
CA HIS A 75 -16.54 15.39 5.98
C HIS A 75 -15.93 16.33 7.02
N HIS A 76 -16.55 16.39 8.19
CA HIS A 76 -16.00 17.11 9.34
C HIS A 76 -15.32 16.10 10.22
N THR A 77 -13.99 16.09 10.23
CA THR A 77 -13.22 15.11 10.96
C THR A 77 -12.18 15.83 11.80
N SER A 78 -11.36 15.07 12.50
CA SER A 78 -10.39 15.76 13.33
C SER A 78 -9.13 16.21 12.56
N CYS A 79 -9.09 16.05 11.23
CA CYS A 79 -7.81 16.09 10.54
C CYS A 79 -7.16 17.47 10.58
N GLU A 80 -5.84 17.47 10.60
CA GLU A 80 -5.13 18.71 10.51
C GLU A 80 -5.29 19.24 9.10
N VAL A 81 -5.13 20.54 8.95
CA VAL A 81 -5.30 21.17 7.65
C VAL A 81 -4.06 22.02 7.43
N TYR A 82 -3.35 21.75 6.33
CA TYR A 82 -2.22 22.59 5.93
C TYR A 82 -1.89 22.41 4.47
N ASN A 83 -1.33 23.45 3.87
CA ASN A 83 -0.86 23.38 2.51
C ASN A 83 0.48 22.62 2.47
N PHE A 84 1.05 22.51 1.28
CA PHE A 84 2.21 21.63 1.15
C PHE A 84 3.31 22.04 2.12
N LEU A 85 3.86 21.07 2.83
CA LEU A 85 4.75 21.33 3.95
C LEU A 85 6.04 22.02 3.53
N PRO A 86 6.65 22.80 4.42
CA PRO A 86 8.01 23.27 4.19
C PRO A 86 8.95 22.10 4.01
N GLU A 87 9.93 22.28 3.12
CA GLU A 87 10.89 21.25 2.83
C GLU A 87 11.57 20.71 4.08
N GLU A 88 11.89 21.57 5.04
CA GLU A 88 12.62 21.10 6.21
C GLU A 88 11.83 20.02 6.95
N LYS A 89 10.51 20.15 7.00
CA LYS A 89 9.71 19.14 7.72
C LYS A 89 9.75 17.81 7.00
N ILE A 90 9.75 17.85 5.68
CA ILE A 90 9.86 16.63 4.87
C ILE A 90 11.22 15.99 5.08
N LEU A 91 12.29 16.79 5.02
CA LEU A 91 13.63 16.23 5.19
CA LEU A 91 13.63 16.24 5.19
C LEU A 91 13.82 15.68 6.60
N GLU A 92 13.21 16.29 7.60
CA GLU A 92 13.32 15.79 8.96
C GLU A 92 12.73 14.38 9.03
N ALA A 93 11.58 14.20 8.40
CA ALA A 93 10.97 12.88 8.45
C ALA A 93 11.77 11.88 7.60
N CYS A 94 12.27 12.29 6.43
CA CYS A 94 13.09 11.39 5.63
C CYS A 94 14.28 10.88 6.44
N LYS A 95 15.01 11.82 7.03
CA LYS A 95 16.19 11.49 7.83
C LYS A 95 15.83 10.60 9.02
N MET A 96 14.68 10.84 9.65
CA MET A 96 14.28 10.00 10.76
C MET A 96 14.02 8.56 10.29
N ASN A 97 13.31 8.39 9.17
CA ASN A 97 13.04 7.02 8.69
C ASN A 97 14.32 6.33 8.25
N GLU A 98 15.27 7.09 7.68
CA GLU A 98 16.55 6.49 7.35
C GLU A 98 17.32 6.09 8.61
N SER A 99 17.27 6.92 9.65
CA SER A 99 17.95 6.56 10.89
CA SER A 99 17.94 6.58 10.91
CA SER A 99 17.96 6.56 10.88
C SER A 99 17.38 5.30 11.51
N GLU A 100 16.11 5.01 11.28
CA GLU A 100 15.45 3.82 11.79
C GLU A 100 15.58 2.63 10.83
N GLY A 101 16.19 2.79 9.64
CA GLY A 101 16.46 1.63 8.77
C GLY A 101 15.36 1.28 7.79
N VAL A 102 14.40 2.19 7.58
CA VAL A 102 13.30 1.95 6.66
C VAL A 102 13.81 1.95 5.21
N ASP A 103 13.16 1.14 4.34
CA ASP A 103 13.71 1.03 2.97
C ASP A 103 13.35 2.20 2.08
N ARG A 104 12.17 2.80 2.28
CA ARG A 104 11.72 3.84 1.39
C ARG A 104 10.73 4.76 2.10
N PHE A 105 10.59 5.96 1.54
CA PHE A 105 9.84 7.06 2.15
C PHE A 105 9.03 7.80 1.09
N SER A 106 7.79 8.12 1.42
CA SER A 106 6.87 8.74 0.47
C SER A 106 6.30 10.06 0.99
N ILE A 107 6.12 11.04 0.09
CA ILE A 107 5.31 12.22 0.36
C ILE A 107 3.93 11.95 -0.18
N VAL A 108 2.93 12.02 0.69
CA VAL A 108 1.53 11.74 0.35
C VAL A 108 0.71 13.00 0.51
N THR A 109 -0.01 13.40 -0.51
CA THR A 109 -0.73 14.67 -0.48
C THR A 109 -2.22 14.48 -0.65
N ALA A 110 -3.00 15.17 0.18
CA ALA A 110 -4.44 15.23 -0.03
C ALA A 110 -4.72 16.09 -1.24
N GLY A 111 -5.84 15.84 -1.91
CA GLY A 111 -6.22 16.63 -3.07
C GLY A 111 -6.41 15.75 -4.29
N LYS A 112 -7.09 16.30 -5.30
CA LYS A 112 -7.30 15.53 -6.50
C LYS A 112 -5.99 15.18 -7.18
N ALA A 113 -5.07 16.15 -7.25
CA ALA A 113 -3.77 16.01 -7.85
C ALA A 113 -2.91 17.11 -7.27
N LEU A 114 -1.63 16.87 -7.18
CA LEU A 114 -0.69 17.93 -6.79
C LEU A 114 -0.19 18.58 -8.05
N THR A 115 -0.36 19.90 -8.16
CA THR A 115 -0.02 20.57 -9.41
CA THR A 115 -0.09 20.62 -9.40
C THR A 115 0.62 21.92 -9.09
N GLY A 116 1.25 22.50 -10.11
CA GLY A 116 1.75 23.89 -10.00
C GLY A 116 2.85 24.07 -8.97
N LYS A 117 2.77 25.19 -8.25
CA LYS A 117 3.87 25.59 -7.37
C LYS A 117 4.11 24.53 -6.28
N GLU A 118 3.02 23.94 -5.72
CA GLU A 118 3.23 22.94 -4.68
C GLU A 118 3.88 21.66 -5.22
N PHE A 119 3.59 21.31 -6.48
CA PHE A 119 4.31 20.23 -7.14
C PHE A 119 5.80 20.55 -7.28
N ASP A 120 6.11 21.77 -7.73
CA ASP A 120 7.52 22.20 -7.80
C ASP A 120 8.19 22.09 -6.43
N GLN A 121 7.46 22.44 -5.35
CA GLN A 121 8.02 22.31 -3.99
C GLN A 121 8.31 20.84 -3.66
N ALA A 122 7.40 19.93 -4.05
CA ALA A 122 7.67 18.52 -3.84
C ALA A 122 8.91 18.07 -4.60
N ILE A 123 9.03 18.50 -5.88
CA ILE A 123 10.19 18.12 -6.67
C ILE A 123 11.47 18.57 -5.98
N HIS A 124 11.49 19.81 -5.51
CA HIS A 124 12.68 20.32 -4.84
C HIS A 124 12.99 19.49 -3.60
N ALA A 125 11.95 19.11 -2.84
CA ALA A 125 12.19 18.26 -1.66
C ALA A 125 12.81 16.91 -2.05
N TYR A 126 12.29 16.28 -3.11
CA TYR A 126 12.90 15.04 -3.62
C TYR A 126 14.35 15.23 -4.04
N GLU A 127 14.65 16.33 -4.72
CA GLU A 127 16.04 16.58 -5.10
C GLU A 127 16.93 16.67 -3.87
N THR A 128 16.48 17.36 -2.83
CA THR A 128 17.26 17.45 -1.60
C THR A 128 17.42 16.09 -0.95
N MET A 129 16.31 15.30 -0.84
CA MET A 129 16.44 13.97 -0.29
C MET A 129 17.32 13.07 -1.12
N HIS A 130 17.23 13.14 -2.45
CA HIS A 130 18.07 12.28 -3.26
C HIS A 130 19.53 12.63 -3.09
N ARG A 131 19.82 13.91 -2.83
CA ARG A 131 21.20 14.35 -2.62
CA ARG A 131 21.22 14.29 -2.65
C ARG A 131 21.72 13.96 -1.24
N GLU A 132 20.90 14.14 -0.21
CA GLU A 132 21.35 14.05 1.17
C GLU A 132 21.12 12.71 1.85
N CYS A 133 20.24 11.87 1.32
CA CYS A 133 19.77 10.72 2.09
C CYS A 133 19.90 9.50 1.20
N LYS A 134 20.05 8.33 1.79
CA LYS A 134 20.17 7.10 1.01
C LYS A 134 18.86 6.32 0.87
N ILE A 135 17.86 6.64 1.69
CA ILE A 135 16.58 5.93 1.65
C ILE A 135 15.91 6.14 0.29
N ASP A 136 15.25 5.10 -0.20
CA ASP A 136 14.57 5.20 -1.49
CA ASP A 136 14.55 5.17 -1.48
C ASP A 136 13.28 6.05 -1.34
N LEU A 137 12.71 6.45 -2.46
CA LEU A 137 11.70 7.50 -2.50
C LEU A 137 10.47 7.09 -3.28
N CYS A 138 9.31 7.39 -2.73
CA CYS A 138 8.01 7.19 -3.37
C CYS A 138 7.21 8.48 -3.37
N ALA A 139 6.12 8.50 -4.15
CA ALA A 139 5.18 9.64 -4.13
C ALA A 139 3.75 9.12 -4.21
N SER A 140 2.82 9.82 -3.54
CA SER A 140 1.38 9.56 -3.67
C SER A 140 0.68 10.90 -3.78
N MET A 141 0.30 11.26 -4.98
CA MET A 141 -0.09 12.65 -5.28
C MET A 141 -1.37 12.76 -6.08
N GLY A 142 -2.10 11.68 -6.25
CA GLY A 142 -3.33 11.75 -6.99
C GLY A 142 -3.14 11.66 -8.50
N PHE A 143 -4.07 12.29 -9.22
CA PHE A 143 -4.17 12.13 -10.69
C PHE A 143 -3.24 13.04 -11.48
N ILE A 144 -1.96 12.77 -11.36
CA ILE A 144 -0.95 13.60 -12.01
C ILE A 144 -0.68 13.13 -13.45
N SER A 145 0.01 13.97 -14.21
CA SER A 145 0.19 13.74 -15.64
C SER A 145 1.46 12.95 -15.90
N ALA A 146 1.59 12.45 -17.13
CA ALA A 146 2.79 11.76 -17.52
C ALA A 146 4.02 12.65 -17.37
N GLU A 147 3.91 13.93 -17.72
CA GLU A 147 5.05 14.82 -17.57
C GLU A 147 5.44 14.97 -16.10
N GLN A 148 4.45 15.07 -15.22
CA GLN A 148 4.77 15.13 -13.79
C GLN A 148 5.45 13.84 -13.29
N LEU A 149 4.96 12.68 -13.75
CA LEU A 149 5.60 11.42 -13.37
C LEU A 149 7.04 11.38 -13.81
N HIS A 150 7.32 11.87 -15.01
CA HIS A 150 8.70 11.90 -15.45
C HIS A 150 9.55 12.83 -14.58
N ARG A 151 9.00 13.99 -14.19
CA ARG A 151 9.74 14.90 -13.30
C ARG A 151 10.04 14.21 -11.96
N LEU A 152 9.06 13.50 -11.39
CA LEU A 152 9.32 12.74 -10.16
C LEU A 152 10.43 11.74 -10.37
N HIS A 153 10.33 10.95 -11.43
CA HIS A 153 11.34 9.92 -11.68
C HIS A 153 12.72 10.53 -11.83
N GLU A 154 12.84 11.63 -12.58
CA GLU A 154 14.13 12.28 -12.75
C GLU A 154 14.67 12.81 -11.43
N ALA A 155 13.82 13.16 -10.50
CA ALA A 155 14.27 13.69 -9.22
C ALA A 155 14.65 12.60 -8.24
N GLY A 156 14.45 11.32 -8.56
CA GLY A 156 14.85 10.20 -7.74
C GLY A 156 13.71 9.37 -7.21
N VAL A 157 12.47 9.65 -7.59
CA VAL A 157 11.35 8.85 -7.05
C VAL A 157 11.25 7.57 -7.86
N THR A 158 11.19 6.43 -7.18
CA THR A 158 11.23 5.15 -7.91
C THR A 158 9.92 4.39 -7.89
N SER A 159 8.96 4.78 -7.02
CA SER A 159 7.63 4.17 -6.98
C SER A 159 6.58 5.27 -6.95
N TYR A 160 5.45 5.03 -7.59
CA TYR A 160 4.31 5.93 -7.54
C TYR A 160 3.14 5.16 -6.96
N HIS A 161 2.49 5.75 -5.97
CA HIS A 161 1.38 5.09 -5.30
C HIS A 161 0.06 5.64 -5.82
N HIS A 162 -0.85 4.76 -6.17
CA HIS A 162 -2.18 5.21 -6.63
C HIS A 162 -3.13 4.02 -6.46
N ASN A 163 -3.84 3.96 -5.33
CA ASN A 163 -4.68 2.81 -5.03
C ASN A 163 -5.94 2.80 -5.88
N ILE A 164 -6.35 1.61 -6.28
CA ILE A 164 -7.65 1.46 -6.91
C ILE A 164 -8.78 1.53 -5.90
N GLU A 165 -8.48 1.32 -4.60
CA GLU A 165 -9.41 1.49 -3.47
C GLU A 165 -10.37 0.33 -3.30
N THR A 166 -11.12 0.08 -4.38
CA THR A 166 -12.11 -0.99 -4.32
C THR A 166 -12.23 -1.58 -5.71
N SER A 167 -13.17 -2.51 -5.90
CA SER A 167 -13.35 -3.06 -7.23
C SER A 167 -14.01 -2.06 -8.18
N ARG A 168 -13.90 -2.36 -9.49
CA ARG A 168 -14.60 -1.54 -10.46
C ARG A 168 -16.09 -1.49 -10.13
N ARG A 169 -16.68 -2.64 -9.80
CA ARG A 169 -18.12 -2.66 -9.54
C ARG A 169 -18.47 -1.77 -8.36
N ASN A 170 -17.67 -1.80 -7.31
CA ASN A 170 -18.05 -1.10 -6.09
C ASN A 170 -17.61 0.36 -6.08
N PHE A 171 -16.74 0.78 -7.01
CA PHE A 171 -16.15 2.13 -6.94
C PHE A 171 -17.19 3.24 -6.83
N PRO A 172 -18.25 3.26 -7.62
CA PRO A 172 -19.25 4.32 -7.50
C PRO A 172 -19.92 4.40 -6.12
N ASN A 173 -19.85 3.36 -5.29
CA ASN A 173 -20.38 3.36 -3.93
C ASN A 173 -19.42 3.99 -2.94
N ILE A 174 -18.20 4.30 -3.37
CA ILE A 174 -17.28 4.96 -2.44
CA ILE A 174 -17.17 4.89 -2.50
C ILE A 174 -16.82 6.32 -2.93
N CYS A 175 -16.92 6.63 -4.21
CA CYS A 175 -16.50 7.94 -4.68
C CYS A 175 -17.31 8.24 -5.92
N THR A 176 -17.85 9.45 -5.98
CA THR A 176 -18.58 9.91 -7.16
C THR A 176 -17.86 10.99 -7.94
N THR A 177 -16.83 11.61 -7.37
CA THR A 177 -16.17 12.74 -7.99
C THR A 177 -15.06 12.35 -8.97
N HIS A 178 -14.57 11.11 -8.90
CA HIS A 178 -13.66 10.54 -9.90
C HIS A 178 -13.99 9.06 -10.02
N THR A 179 -13.29 8.36 -10.93
CA THR A 179 -13.70 7.03 -11.31
C THR A 179 -12.57 6.01 -11.23
N TYR A 180 -12.99 4.75 -11.26
CA TYR A 180 -12.05 3.65 -11.33
C TYR A 180 -11.23 3.74 -12.62
N ASP A 181 -11.89 4.08 -13.73
CA ASP A 181 -11.17 4.18 -15.00
C ASP A 181 -10.06 5.20 -14.93
N MET A 182 -10.28 6.28 -14.22
CA MET A 182 -9.23 7.28 -14.03
C MET A 182 -8.03 6.75 -13.26
N LYS A 183 -8.28 5.87 -12.29
CA LYS A 183 -7.18 5.26 -11.55
C LYS A 183 -6.35 4.39 -12.48
N ILE A 184 -7.02 3.56 -13.28
CA ILE A 184 -6.29 2.67 -14.19
C ILE A 184 -5.46 3.49 -15.18
N GLU A 185 -5.98 4.60 -15.68
CA GLU A 185 -5.19 5.42 -16.60
C GLU A 185 -3.93 5.94 -15.94
N THR A 186 -4.01 6.40 -14.68
CA THR A 186 -2.79 6.80 -14.03
C THR A 186 -1.79 5.65 -13.94
N LEU A 187 -2.27 4.48 -13.53
CA LEU A 187 -1.38 3.33 -13.37
C LEU A 187 -0.71 2.96 -14.67
N LYS A 188 -1.42 3.08 -15.78
CA LYS A 188 -0.77 2.81 -17.06
C LYS A 188 0.37 3.80 -17.31
N LYS A 189 0.18 5.07 -16.91
CA LYS A 189 1.24 6.04 -17.08
C LYS A 189 2.44 5.73 -16.22
N VAL A 190 2.21 5.24 -14.98
CA VAL A 190 3.31 4.89 -14.10
C VAL A 190 4.16 3.82 -14.75
N LYS A 191 3.50 2.80 -15.29
CA LYS A 191 4.26 1.71 -15.92
C LYS A 191 5.00 2.24 -17.16
N ALA A 192 4.37 3.09 -17.96
CA ALA A 192 5.03 3.60 -19.18
C ALA A 192 6.26 4.44 -18.84
N GLU A 193 6.28 5.07 -17.65
CA GLU A 193 7.42 5.82 -17.19
C GLU A 193 8.54 4.94 -16.66
N GLY A 194 8.33 3.66 -16.42
CA GLY A 194 9.37 2.82 -15.88
C GLY A 194 9.48 2.93 -14.39
N MET A 195 8.45 3.43 -13.72
CA MET A 195 8.48 3.44 -12.26
C MET A 195 7.79 2.22 -11.71
N CYS A 196 8.10 1.84 -10.47
CA CYS A 196 7.35 0.80 -9.79
CA CYS A 196 7.32 0.80 -9.83
C CYS A 196 5.95 1.35 -9.48
N ALA A 197 4.91 0.54 -9.76
CA ALA A 197 3.55 0.93 -9.42
C ALA A 197 3.14 0.27 -8.13
N CYS A 198 2.68 1.08 -7.21
CA CYS A 198 2.20 0.62 -5.92
C CYS A 198 0.72 0.92 -5.86
N SER A 199 -0.10 -0.12 -5.84
CA SER A 199 -1.54 0.07 -5.94
C SER A 199 -2.26 -1.06 -5.23
N GLY A 200 -3.13 -0.71 -4.28
CA GLY A 200 -4.00 -1.66 -3.61
C GLY A 200 -5.28 -0.98 -3.26
N GLY A 201 -5.75 -1.15 -2.04
CA GLY A 201 -7.00 -0.52 -1.70
C GLY A 201 -7.35 -0.81 -0.26
N ILE A 202 -8.65 -0.71 0.02
CA ILE A 202 -9.18 -0.78 1.38
C ILE A 202 -10.23 -1.87 1.42
N ILE A 203 -10.06 -2.80 2.33
CA ILE A 203 -11.04 -3.84 2.57
C ILE A 203 -11.81 -3.53 3.84
N GLY A 204 -13.04 -4.05 3.90
CA GLY A 204 -13.93 -3.76 5.01
C GLY A 204 -14.82 -2.56 4.81
N MET A 205 -14.97 -2.07 3.57
CA MET A 205 -15.77 -0.87 3.39
C MET A 205 -17.19 -1.26 2.95
N GLY A 206 -17.55 -2.53 2.99
CA GLY A 206 -18.84 -3.02 2.51
C GLY A 206 -18.74 -3.73 1.17
N GLU A 207 -17.58 -3.72 0.53
CA GLU A 207 -17.42 -4.51 -0.69
C GLU A 207 -17.58 -6.00 -0.35
N THR A 208 -17.95 -6.79 -1.34
CA THR A 208 -18.12 -8.24 -1.14
C THR A 208 -16.79 -8.97 -1.25
N TRP A 209 -16.81 -10.27 -0.90
CA TRP A 209 -15.66 -11.11 -1.17
C TRP A 209 -15.31 -11.12 -2.63
N GLU A 210 -16.31 -11.19 -3.49
CA GLU A 210 -16.04 -11.18 -4.92
C GLU A 210 -15.39 -9.89 -5.39
N ASP A 211 -15.75 -8.75 -4.81
CA ASP A 211 -15.05 -7.50 -5.11
C ASP A 211 -13.57 -7.59 -4.74
N ARG A 212 -13.27 -8.20 -3.59
CA ARG A 212 -11.86 -8.32 -3.18
C ARG A 212 -11.08 -9.20 -4.17
N LEU A 213 -11.69 -10.29 -4.63
CA LEU A 213 -11.07 -11.10 -5.65
C LEU A 213 -10.87 -10.32 -6.92
N ASP A 214 -11.85 -9.51 -7.30
CA ASP A 214 -11.71 -8.76 -8.54
C ASP A 214 -10.62 -7.71 -8.44
N MET A 215 -10.46 -7.10 -7.27
CA MET A 215 -9.31 -6.21 -7.07
C MET A 215 -8.00 -6.94 -7.28
N ALA A 216 -7.86 -8.12 -6.68
CA ALA A 216 -6.62 -8.88 -6.79
C ALA A 216 -6.31 -9.24 -8.24
N ILE A 217 -7.33 -9.68 -9.00
CA ILE A 217 -7.04 -10.10 -10.35
CA ILE A 217 -7.09 -10.09 -10.36
CA ILE A 217 -7.16 -10.08 -10.38
C ILE A 217 -6.82 -8.88 -11.24
N SER A 218 -7.49 -7.77 -10.97
CA SER A 218 -7.28 -6.58 -11.77
C SER A 218 -5.88 -6.02 -11.61
N LEU A 219 -5.35 -6.03 -10.40
CA LEU A 219 -3.98 -5.60 -10.15
C LEU A 219 -2.99 -6.57 -10.79
N ALA A 220 -3.29 -7.89 -10.73
CA ALA A 220 -2.43 -8.86 -11.42
C ALA A 220 -2.36 -8.61 -12.92
N GLU A 221 -3.48 -8.28 -13.55
CA GLU A 221 -3.49 -8.02 -14.98
C GLU A 221 -2.62 -6.84 -15.32
N LEU A 222 -2.53 -5.85 -14.44
CA LEU A 222 -1.70 -4.69 -14.65
C LEU A 222 -0.24 -4.95 -14.31
N GLY A 223 0.09 -6.07 -13.70
CA GLY A 223 1.47 -6.31 -13.30
C GLY A 223 1.92 -5.44 -12.14
N ILE A 224 1.01 -5.09 -11.23
CA ILE A 224 1.37 -4.18 -10.15
C ILE A 224 2.44 -4.80 -9.27
N ASP A 225 3.43 -4.00 -8.89
CA ASP A 225 4.59 -4.49 -8.20
C ASP A 225 4.45 -4.58 -6.68
N SER A 226 3.67 -3.68 -6.11
CA SER A 226 3.51 -3.54 -4.67
C SER A 226 2.05 -3.29 -4.43
N ILE A 227 1.43 -4.03 -3.50
CA ILE A 227 -0.01 -3.99 -3.30
C ILE A 227 -0.30 -3.76 -1.83
N PRO A 228 -0.54 -2.52 -1.41
CA PRO A 228 -0.94 -2.24 -0.02
C PRO A 228 -2.39 -2.68 0.22
N ILE A 229 -2.59 -3.55 1.20
CA ILE A 229 -3.91 -4.00 1.62
C ILE A 229 -4.21 -3.27 2.92
N ASN A 230 -5.01 -2.23 2.81
CA ASN A 230 -5.42 -1.47 3.98
C ASN A 230 -6.70 -2.07 4.52
N ALA A 231 -6.79 -2.31 5.84
CA ALA A 231 -8.09 -2.58 6.42
C ALA A 231 -8.69 -1.24 6.84
N LEU A 232 -9.98 -1.08 6.64
CA LEU A 232 -10.62 0.20 6.95
C LEU A 232 -10.37 0.59 8.40
N MET A 233 -9.91 1.82 8.56
CA MET A 233 -9.92 2.48 9.86
CA MET A 233 -9.91 2.50 9.86
C MET A 233 -11.11 3.43 9.84
N PRO A 234 -12.21 3.11 10.46
CA PRO A 234 -13.40 3.99 10.31
C PRO A 234 -13.15 5.32 10.98
N ILE A 235 -13.30 6.41 10.23
CA ILE A 235 -12.93 7.73 10.71
C ILE A 235 -14.19 8.44 11.23
N PRO A 236 -14.20 8.90 12.47
CA PRO A 236 -15.35 9.71 12.94
C PRO A 236 -15.59 10.93 12.07
N GLY A 237 -16.85 11.12 11.70
CA GLY A 237 -17.26 12.18 10.86
C GLY A 237 -17.35 11.85 9.39
N THR A 238 -16.89 10.68 8.98
CA THR A 238 -17.04 10.24 7.60
C THR A 238 -18.23 9.30 7.47
N PRO A 239 -18.73 9.08 6.26
CA PRO A 239 -19.87 8.19 6.10
C PRO A 239 -19.66 6.78 6.62
N LEU A 240 -18.41 6.33 6.65
CA LEU A 240 -18.11 4.96 7.05
C LEU A 240 -17.74 4.82 8.54
N GLU A 241 -17.97 5.86 9.33
CA GLU A 241 -17.50 5.87 10.72
CA GLU A 241 -17.57 5.91 10.73
C GLU A 241 -18.04 4.71 11.53
N HIS A 242 -19.22 4.16 11.22
CA HIS A 242 -19.83 3.15 12.07
C HIS A 242 -19.76 1.76 11.45
N LEU A 243 -18.99 1.55 10.38
CA LEU A 243 -18.85 0.20 9.87
C LEU A 243 -18.07 -0.64 10.86
N PRO A 244 -18.43 -1.90 11.03
CA PRO A 244 -17.63 -2.78 11.92
C PRO A 244 -16.27 -3.03 11.33
N GLU A 245 -15.27 -3.09 12.20
CA GLU A 245 -13.91 -3.42 11.81
C GLU A 245 -13.81 -4.89 11.39
N LEU A 246 -12.91 -5.17 10.47
CA LEU A 246 -12.73 -6.53 10.00
C LEU A 246 -12.06 -7.41 11.05
N SER A 247 -12.42 -8.70 11.04
CA SER A 247 -11.76 -9.71 11.87
C SER A 247 -10.43 -10.12 11.24
N GLU A 248 -9.54 -10.61 12.10
CA GLU A 248 -8.27 -11.15 11.64
C GLU A 248 -8.44 -12.25 10.59
N PRO A 249 -9.33 -13.23 10.76
CA PRO A 249 -9.47 -14.27 9.73
C PRO A 249 -9.85 -13.68 8.38
N ASP A 250 -10.69 -12.67 8.34
CA ASP A 250 -11.08 -12.08 7.05
C ASP A 250 -9.92 -11.32 6.38
N ILE A 251 -9.11 -10.63 7.17
CA ILE A 251 -7.93 -9.98 6.62
C ILE A 251 -6.94 -11.02 6.12
N LEU A 252 -6.68 -12.04 6.91
CA LEU A 252 -5.70 -13.06 6.53
C LEU A 252 -6.14 -13.78 5.26
N ARG A 253 -7.43 -14.10 5.11
CA ARG A 253 -7.87 -14.75 3.89
C ARG A 253 -7.57 -13.88 2.68
N THR A 254 -7.82 -12.58 2.84
CA THR A 254 -7.60 -11.63 1.77
C THR A 254 -6.13 -11.52 1.41
N ILE A 255 -5.26 -11.36 2.40
CA ILE A 255 -3.84 -11.32 2.14
C ILE A 255 -3.40 -12.57 1.41
N ALA A 256 -3.87 -13.72 1.86
CA ALA A 256 -3.42 -14.97 1.27
C ALA A 256 -3.86 -15.09 -0.18
N PHE A 257 -5.14 -14.82 -0.51
CA PHE A 257 -5.48 -14.96 -1.92
C PHE A 257 -4.87 -13.87 -2.78
N PHE A 258 -4.59 -12.68 -2.20
CA PHE A 258 -3.88 -11.69 -3.00
C PHE A 258 -2.49 -12.23 -3.36
N ARG A 259 -1.85 -12.99 -2.45
CA ARG A 259 -0.55 -13.61 -2.72
C ARG A 259 -0.67 -14.68 -3.80
N TYR A 260 -1.72 -15.52 -3.77
CA TYR A 260 -1.86 -16.52 -4.83
C TYR A 260 -2.05 -15.86 -6.18
N ILE A 261 -2.80 -14.75 -6.21
CA ILE A 261 -3.14 -14.09 -7.46
C ILE A 261 -2.03 -13.16 -7.95
N ASN A 262 -1.19 -12.70 -7.04
CA ASN A 262 -0.08 -11.78 -7.36
C ASN A 262 1.19 -12.34 -6.75
N PRO A 263 1.63 -13.52 -7.19
CA PRO A 263 2.69 -14.23 -6.47
C PRO A 263 4.02 -13.49 -6.43
N GLU A 264 4.32 -12.66 -7.40
CA GLU A 264 5.60 -11.98 -7.50
C GLU A 264 5.57 -10.58 -6.92
N ALA A 265 4.43 -10.12 -6.44
CA ALA A 265 4.33 -8.76 -5.91
C ALA A 265 4.75 -8.71 -4.45
N ASN A 266 5.08 -7.52 -3.98
CA ASN A 266 5.12 -7.29 -2.53
C ASN A 266 3.71 -7.04 -2.06
N ILE A 267 3.09 -8.00 -1.41
CA ILE A 267 1.82 -7.82 -0.71
C ILE A 267 2.15 -7.14 0.60
N ARG A 268 1.61 -5.93 0.78
CA ARG A 268 2.13 -5.00 1.74
C ARG A 268 1.04 -4.62 2.75
N LEU A 269 1.33 -4.84 4.03
CA LEU A 269 0.38 -4.40 5.09
C LEU A 269 0.43 -2.87 5.18
N ALA A 270 -0.67 -2.26 5.57
CA ALA A 270 -0.81 -0.81 5.44
C ALA A 270 -1.72 -0.39 6.59
N ALA A 271 -2.77 0.39 6.34
CA ALA A 271 -3.59 0.83 7.45
C ALA A 271 -4.31 -0.35 8.09
N GLY A 272 -4.64 -0.18 9.37
CA GLY A 272 -5.47 -1.15 10.06
C GLY A 272 -4.72 -2.33 10.59
N ARG A 273 -3.38 -2.25 10.67
CA ARG A 273 -2.60 -3.38 11.10
C ARG A 273 -2.86 -3.71 12.57
N ALA A 274 -3.37 -2.74 13.35
CA ALA A 274 -3.73 -3.02 14.74
C ALA A 274 -4.84 -4.08 14.87
N LEU A 275 -5.59 -4.36 13.80
CA LEU A 275 -6.63 -5.39 13.80
C LEU A 275 -6.06 -6.79 13.81
N LEU A 276 -4.80 -6.94 13.46
CA LEU A 276 -4.11 -8.22 13.46
C LEU A 276 -3.42 -8.45 14.78
N THR A 277 -3.35 -9.71 15.19
CA THR A 277 -2.67 -9.98 16.46
C THR A 277 -1.17 -9.72 16.30
N ASN A 278 -0.57 -9.18 17.35
CA ASN A 278 0.88 -8.95 17.35
C ASN A 278 1.30 -8.10 16.18
N ASP A 279 0.53 -7.05 15.93
CA ASP A 279 0.83 -6.07 14.89
C ASP A 279 1.16 -6.71 13.56
N GLY A 280 0.43 -7.77 13.21
CA GLY A 280 0.53 -8.38 11.90
C GLY A 280 1.46 -9.57 11.75
N GLU A 281 2.07 -10.03 12.85
CA GLU A 281 2.93 -11.21 12.80
C GLU A 281 2.37 -12.35 11.95
N THR A 282 1.12 -12.75 12.19
CA THR A 282 0.58 -13.89 11.44
CA THR A 282 0.59 -13.89 11.43
C THR A 282 0.45 -13.57 9.95
N ALA A 283 0.19 -12.31 9.60
CA ALA A 283 0.07 -11.95 8.20
C ALA A 283 1.36 -12.13 7.46
N PHE A 284 2.51 -11.85 8.12
CA PHE A 284 3.77 -12.10 7.49
C PHE A 284 4.03 -13.58 7.26
N LYS A 285 3.26 -14.45 7.91
CA LYS A 285 3.31 -15.90 7.73
C LYS A 285 2.15 -16.39 6.88
N ALA A 286 1.44 -15.50 6.19
CA ALA A 286 0.27 -15.85 5.40
C ALA A 286 0.26 -15.14 4.06
N GLY A 287 1.42 -14.70 3.57
CA GLY A 287 1.53 -14.15 2.26
C GLY A 287 2.07 -12.73 2.23
N ALA A 288 2.06 -11.96 3.32
CA ALA A 288 2.60 -10.60 3.26
C ALA A 288 4.11 -10.64 3.21
N SER A 289 4.69 -9.69 2.43
CA SER A 289 6.14 -9.57 2.30
C SER A 289 6.63 -8.15 2.50
N ALA A 290 5.80 -7.24 2.99
CA ALA A 290 6.18 -5.82 3.07
C ALA A 290 5.17 -5.15 3.99
N SER A 291 5.54 -3.95 4.49
CA SER A 291 4.59 -3.22 5.32
C SER A 291 4.96 -1.74 5.33
N ILE A 292 3.95 -0.91 5.46
CA ILE A 292 4.18 0.46 5.91
C ILE A 292 4.42 0.40 7.42
N THR A 293 5.40 1.16 7.87
CA THR A 293 5.76 1.23 9.30
C THR A 293 5.76 2.68 9.74
N GLY A 294 5.49 2.89 11.03
CA GLY A 294 5.44 4.23 11.57
C GLY A 294 4.11 4.93 11.38
N ASN A 295 4.14 6.24 11.52
CA ASN A 295 2.87 6.96 11.55
C ASN A 295 2.17 6.98 10.20
N MET A 296 0.84 7.09 10.21
CA MET A 296 0.08 7.13 8.98
C MET A 296 -0.26 8.60 8.71
N LEU A 297 -1.39 8.88 8.08
CA LEU A 297 -1.65 10.23 7.56
C LEU A 297 -2.36 11.08 8.59
N THR A 298 -3.41 10.56 9.19
CA THR A 298 -4.16 11.28 10.22
C THR A 298 -4.35 10.42 11.46
N THR A 299 -3.79 9.20 11.47
CA THR A 299 -3.90 8.26 12.57
C THR A 299 -2.49 7.89 13.00
N VAL A 300 -2.35 7.37 14.26
CA VAL A 300 -1.02 7.05 14.75
C VAL A 300 -0.66 5.60 14.44
N ALA A 301 0.64 5.39 14.48
CA ALA A 301 1.24 4.12 14.21
C ALA A 301 0.62 3.06 15.11
N CYS A 302 0.58 1.83 14.61
CA CYS A 302 0.18 0.73 15.48
C CYS A 302 1.29 0.28 16.42
N ALA A 303 2.53 0.67 16.15
CA ALA A 303 3.71 0.33 16.95
C ALA A 303 4.86 1.20 16.45
N THR A 304 5.94 1.27 17.21
CA THR A 304 7.11 1.97 16.69
C THR A 304 7.77 1.18 15.57
N ILE A 305 8.57 1.90 14.78
CA ILE A 305 9.35 1.29 13.72
C ILE A 305 10.28 0.25 14.30
N ARG A 306 10.94 0.59 15.40
CA ARG A 306 11.84 -0.36 16.03
C ARG A 306 11.11 -1.64 16.41
N SER A 307 9.91 -1.53 16.96
CA SER A 307 9.15 -2.72 17.34
C SER A 307 8.88 -3.59 16.11
N ASP A 308 8.52 -2.97 14.99
CA ASP A 308 8.25 -3.74 13.77
C ASP A 308 9.50 -4.43 13.29
N ARG A 309 10.64 -3.71 13.29
CA ARG A 309 11.85 -4.35 12.79
C ARG A 309 12.30 -5.48 13.71
N LYS A 310 12.11 -5.33 15.01
CA LYS A 310 12.52 -6.38 15.91
C LYS A 310 11.62 -7.59 15.78
N MET A 311 10.31 -7.37 15.61
CA MET A 311 9.39 -8.49 15.42
CA MET A 311 9.39 -8.49 15.42
C MET A 311 9.77 -9.28 14.17
N LEU A 312 10.05 -8.58 13.07
CA LEU A 312 10.32 -9.25 11.82
C LEU A 312 11.66 -9.99 11.89
N ALA A 313 12.69 -9.35 12.47
CA ALA A 313 13.97 -10.04 12.58
C ALA A 313 13.84 -11.25 13.48
N ASP A 314 13.03 -11.15 14.53
CA ASP A 314 12.90 -12.26 15.48
C ASP A 314 12.19 -13.44 14.83
N MET A 315 11.37 -13.20 13.81
CA MET A 315 10.75 -14.32 13.12
C MET A 315 11.62 -14.85 11.99
N GLY A 316 12.82 -14.32 11.82
CA GLY A 316 13.70 -14.79 10.79
C GLY A 316 13.67 -14.06 9.47
N ARG A 317 12.91 -12.95 9.36
CA ARG A 317 12.87 -12.19 8.13
C ARG A 317 14.06 -11.24 8.09
N ASP A 318 14.42 -10.80 6.90
CA ASP A 318 15.48 -9.83 6.69
C ASP A 318 14.85 -8.45 6.61
N VAL A 319 15.32 -7.51 7.45
CA VAL A 319 14.87 -6.13 7.37
C VAL A 319 16.03 -5.15 7.26
N THR A 320 17.20 -5.61 6.84
CA THR A 320 18.33 -4.68 6.72
C THR A 320 18.18 -3.91 5.41
N PRO A 321 18.15 -2.59 5.42
CA PRO A 321 18.04 -1.88 4.16
C PRO A 321 19.36 -1.89 3.40
N GLU A 322 19.26 -1.63 2.10
CA GLU A 322 20.46 -1.70 1.26
C GLU A 322 21.56 -0.75 1.75
N TYR A 323 21.18 0.42 2.26
CA TYR A 323 22.15 1.43 2.62
C TYR A 323 22.86 1.16 3.94
N TRP A 324 22.44 0.13 4.67
CA TRP A 324 23.18 -0.35 5.80
C TRP A 324 24.08 -1.53 5.47
N LYS A 325 24.07 -2.02 4.24
CA LYS A 325 24.94 -3.13 3.88
C LYS A 325 26.23 -2.58 3.28
N GLU A 326 27.25 -2.42 4.12
CA GLU A 326 28.45 -1.73 3.68
C GLU A 326 29.42 -2.65 3.01
N VAL A 327 29.40 -3.93 3.37
CA VAL A 327 30.37 -4.91 2.87
C VAL A 327 29.66 -6.23 2.64
#